data_5WEJ
#
_entry.id   5WEJ
#
_cell.length_a   59.556
_cell.length_b   59.556
_cell.length_c   357.548
_cell.angle_alpha   90.000
_cell.angle_beta   90.000
_cell.angle_gamma   120.000
#
_symmetry.space_group_name_H-M   'P 61 2 2'
#
loop_
_entity.id
_entity.type
_entity.pdbx_description
1 polymer 'Genome polyprotein'
2 non-polymer (2S)-2-{(5S)-5-[(3-chlorophenyl)methyl]-2-oxo-1,3-oxazolidin-3-yl}-4-methyl-N-{(2S)-1-oxo-3-[(3S)-2-oxopyrrolidin-3-yl]propan-2-yl}pentanamide
3 water water
#
_entity_poly.entity_id   1
_entity_poly.type   'polypeptide(L)'
_entity_poly.pdbx_seq_one_letter_code
;MHHHHHHAPPTLWSRVTKFGSGWGFWVSPTVFITTTHVVPTGVKEFFGEPLSSIAIHQAGEFTQFRFSKKMRPDLTGMVL
EEGCPEGTVCSVLIKRDSGELLPLAVRMGAIASMRIQGRLVHGQSGMLLTGANAKGMDLGTIPGDCGAPYVHKRGNDWVV
CGVHAAATKSGNTVVCAVQAGEGETALE
;
_entity_poly.pdbx_strand_id   A,B
#
# COMPACT_ATOMS: atom_id res chain seq x y z
N ALA A 8 4.81 5.01 18.75
CA ALA A 8 5.18 6.12 17.81
C ALA A 8 3.96 7.00 17.46
N PRO A 9 4.19 8.26 17.13
CA PRO A 9 3.09 9.23 17.01
C PRO A 9 2.37 9.16 15.67
N PRO A 10 1.14 9.67 15.60
CA PRO A 10 0.40 9.62 14.32
C PRO A 10 1.12 10.22 13.14
N THR A 11 1.73 11.41 13.28
CA THR A 11 2.39 12.01 12.12
C THR A 11 3.51 11.11 11.62
N LEU A 12 4.20 10.39 12.52
CA LEU A 12 5.30 9.53 12.05
C LEU A 12 4.77 8.41 11.17
N TRP A 13 3.75 7.70 11.64
CA TRP A 13 3.14 6.66 10.81
C TRP A 13 2.59 7.18 9.50
N SER A 14 2.10 8.44 9.47
CA SER A 14 1.53 8.95 8.23
C SER A 14 2.59 9.20 7.17
N ARG A 15 3.85 9.23 7.55
CA ARG A 15 4.95 9.30 6.58
C ARG A 15 5.20 7.97 5.89
N VAL A 16 4.72 6.85 6.43
CA VAL A 16 4.94 5.55 5.80
C VAL A 16 3.90 5.36 4.70
N THR A 17 4.35 5.21 3.46
CA THR A 17 3.45 5.28 2.30
C THR A 17 3.62 4.06 1.41
N LYS A 18 2.50 3.47 0.97
CA LYS A 18 2.58 2.36 0.03
C LYS A 18 3.30 2.81 -1.24
N PHE A 19 4.21 1.97 -1.74
CA PHE A 19 5.03 2.38 -2.87
C PHE A 19 5.62 1.14 -3.54
N GLY A 20 5.40 1.03 -4.86
CA GLY A 20 5.88 -0.13 -5.60
C GLY A 20 5.42 -1.42 -4.97
N SER A 21 6.32 -2.39 -4.88
CA SER A 21 5.98 -3.65 -4.24
C SER A 21 6.25 -3.61 -2.73
N GLY A 22 6.34 -2.42 -2.15
CA GLY A 22 6.60 -2.26 -0.73
C GLY A 22 6.12 -0.93 -0.19
N TRP A 23 6.99 -0.19 0.50
CA TRP A 23 6.64 1.05 1.17
C TRP A 23 7.77 2.03 0.97
N GLY A 24 7.53 3.29 1.31
CA GLY A 24 8.60 4.23 1.51
C GLY A 24 8.24 5.23 2.59
N PHE A 25 9.12 6.20 2.80
CA PHE A 25 9.02 7.08 3.96
C PHE A 25 9.27 8.52 3.55
N TRP A 26 8.33 9.43 3.90
CA TRP A 26 8.54 10.87 3.73
C TRP A 26 9.41 11.41 4.86
N VAL A 27 10.64 11.79 4.51
CA VAL A 27 11.57 12.44 5.44
C VAL A 27 11.22 13.92 5.61
N SER A 28 10.58 14.51 4.61
CA SER A 28 10.24 15.93 4.61
C SER A 28 9.12 16.14 3.60
N PRO A 29 8.64 17.36 3.42
CA PRO A 29 7.64 17.60 2.36
C PRO A 29 8.10 17.20 0.96
N THR A 30 9.41 17.15 0.69
CA THR A 30 9.90 16.84 -0.65
C THR A 30 10.76 15.58 -0.76
N VAL A 31 11.26 15.02 0.33
CA VAL A 31 12.18 13.89 0.25
C VAL A 31 11.46 12.60 0.63
N PHE A 32 11.62 11.59 -0.21
CA PHE A 32 11.01 10.28 -0.03
C PHE A 32 12.10 9.24 -0.20
N ILE A 33 12.23 8.33 0.77
CA ILE A 33 13.19 7.23 0.69
C ILE A 33 12.49 5.90 0.67
N THR A 34 13.13 4.93 0.02
CA THR A 34 12.62 3.59 -0.13
C THR A 34 13.76 2.64 -0.45
N THR A 35 13.42 1.37 -0.60
CA THR A 35 14.38 0.32 -0.91
C THR A 35 14.37 0.05 -2.42
N THR A 36 15.56 0.01 -3.01
CA THR A 36 15.66 0.01 -4.48
C THR A 36 14.83 -1.08 -5.14
N HIS A 37 14.89 -2.31 -4.61
CA HIS A 37 14.21 -3.37 -5.32
C HIS A 37 12.70 -3.29 -5.29
N VAL A 38 12.09 -2.39 -4.48
CA VAL A 38 10.63 -2.24 -4.54
C VAL A 38 10.22 -1.14 -5.53
N VAL A 39 11.19 -0.40 -6.08
CA VAL A 39 10.90 0.77 -6.92
C VAL A 39 10.39 0.31 -8.28
N PRO A 40 9.25 0.82 -8.73
CA PRO A 40 8.78 0.50 -10.08
C PRO A 40 9.79 0.89 -11.14
N THR A 41 9.91 0.06 -12.18
CA THR A 41 10.83 0.30 -13.28
C THR A 41 10.05 0.66 -14.54
N GLY A 42 10.69 1.42 -15.41
CA GLY A 42 10.11 1.75 -16.70
C GLY A 42 8.88 2.63 -16.63
N VAL A 43 8.77 3.49 -15.62
CA VAL A 43 7.61 4.34 -15.44
C VAL A 43 8.01 5.77 -15.76
N LYS A 44 7.01 6.61 -16.02
CA LYS A 44 7.23 8.02 -16.40
C LYS A 44 6.81 9.00 -15.31
N GLU A 45 6.27 8.51 -14.18
CA GLU A 45 5.83 9.36 -13.10
C GLU A 45 5.96 8.58 -11.79
N PHE A 46 6.07 9.32 -10.71
CA PHE A 46 5.88 8.80 -9.36
C PHE A 46 4.97 9.75 -8.61
N PHE A 47 3.92 9.21 -7.98
CA PHE A 47 2.98 10.06 -7.26
C PHE A 47 2.39 11.14 -8.17
N GLY A 48 2.23 10.81 -9.44
CA GLY A 48 1.69 11.73 -10.43
C GLY A 48 2.65 12.80 -10.93
N GLU A 49 3.88 12.83 -10.42
CA GLU A 49 4.85 13.84 -10.83
C GLU A 49 5.75 13.28 -11.92
N PRO A 50 6.04 14.03 -12.97
CA PRO A 50 6.90 13.52 -14.03
C PRO A 50 8.34 13.40 -13.56
N LEU A 51 9.09 12.51 -14.21
CA LEU A 51 10.47 12.28 -13.80
C LEU A 51 11.28 13.55 -13.81
N SER A 52 11.00 14.46 -14.74
CA SER A 52 11.74 15.71 -14.85
C SER A 52 11.51 16.66 -13.67
N SER A 53 10.62 16.33 -12.74
CA SER A 53 10.47 17.12 -11.53
C SER A 53 10.79 16.30 -10.28
N ILE A 54 11.62 15.26 -10.44
CA ILE A 54 12.06 14.40 -9.34
C ILE A 54 13.56 14.13 -9.50
N ALA A 55 14.35 14.49 -8.50
CA ALA A 55 15.74 14.11 -8.41
C ALA A 55 15.82 12.71 -7.84
N ILE A 56 16.37 11.78 -8.60
CA ILE A 56 16.38 10.36 -8.27
C ILE A 56 17.82 9.92 -8.08
N HIS A 57 18.09 9.29 -6.93
CA HIS A 57 19.42 8.76 -6.61
C HIS A 57 19.27 7.38 -5.96
N GLN A 58 19.74 6.35 -6.64
CA GLN A 58 19.72 4.99 -6.15
CA GLN A 58 19.73 4.97 -6.18
C GLN A 58 21.17 4.56 -5.94
N ALA A 59 21.48 4.14 -4.72
CA ALA A 59 22.80 3.71 -4.29
C ALA A 59 22.64 2.34 -3.62
N GLY A 60 23.04 1.29 -4.32
CA GLY A 60 22.75 -0.05 -3.80
C GLY A 60 21.25 -0.18 -3.56
N GLU A 61 20.88 -0.65 -2.37
CA GLU A 61 19.47 -0.88 -2.07
C GLU A 61 18.79 0.34 -1.47
N PHE A 62 19.46 1.48 -1.40
CA PHE A 62 18.88 2.72 -0.90
C PHE A 62 18.52 3.63 -2.08
N THR A 63 17.25 4.08 -2.13
CA THR A 63 16.77 4.99 -3.16
C THR A 63 16.20 6.22 -2.45
N GLN A 64 16.62 7.41 -2.91
CA GLN A 64 16.10 8.68 -2.45
C GLN A 64 15.49 9.43 -3.63
N PHE A 65 14.29 9.97 -3.45
CA PHE A 65 13.65 10.87 -4.40
C PHE A 65 13.56 12.24 -3.75
N ARG A 66 13.83 13.30 -4.51
CA ARG A 66 13.57 14.66 -4.03
C ARG A 66 12.65 15.36 -5.02
N PHE A 67 11.43 15.64 -4.58
CA PHE A 67 10.43 16.26 -5.45
C PHE A 67 10.60 17.78 -5.51
N SER A 68 10.42 18.35 -6.70
CA SER A 68 10.45 19.81 -6.82
C SER A 68 9.21 20.41 -6.16
N LYS A 69 8.05 19.76 -6.35
CA LYS A 69 6.81 20.15 -5.71
C LYS A 69 6.78 19.73 -4.25
N LYS A 70 6.16 20.55 -3.40
CA LYS A 70 5.98 20.21 -2.00
C LYS A 70 4.84 19.19 -1.91
N MET A 71 5.22 17.93 -1.73
CA MET A 71 4.28 16.83 -1.80
C MET A 71 3.53 16.60 -0.50
N ARG A 72 4.17 16.81 0.64
CA ARG A 72 3.60 16.54 1.95
C ARG A 72 3.92 17.74 2.83
N PRO A 73 3.36 18.92 2.50
CA PRO A 73 3.63 20.12 3.31
C PRO A 73 3.11 20.03 4.74
N ASP A 74 2.28 19.05 5.07
CA ASP A 74 1.91 18.87 6.47
C ASP A 74 3.10 18.50 7.34
N LEU A 75 4.21 18.06 6.76
CA LEU A 75 5.29 17.43 7.51
C LEU A 75 6.43 18.39 7.80
N THR A 76 7.02 18.24 8.99
CA THR A 76 8.32 18.83 9.25
C THR A 76 9.41 17.96 8.62
N GLY A 77 10.56 18.57 8.38
CA GLY A 77 11.70 17.82 7.86
C GLY A 77 12.44 17.16 9.01
N MET A 78 12.66 15.85 8.90
CA MET A 78 13.43 15.17 9.92
C MET A 78 14.84 14.87 9.40
N VAL A 79 15.71 14.51 10.33
CA VAL A 79 17.10 14.19 9.99
C VAL A 79 17.14 12.78 9.42
N LEU A 80 17.82 12.64 8.29
CA LEU A 80 18.14 11.33 7.72
C LEU A 80 19.61 11.05 8.03
N GLU A 81 19.86 10.06 8.86
CA GLU A 81 21.21 9.68 9.23
C GLU A 81 21.84 8.80 8.15
N GLU A 82 23.18 8.74 8.15
CA GLU A 82 23.86 8.00 7.08
C GLU A 82 23.88 6.50 7.34
N GLY A 83 23.54 6.09 8.55
CA GLY A 83 23.34 4.70 8.90
C GLY A 83 22.80 4.70 10.31
N CYS A 84 22.46 3.51 10.80
CA CYS A 84 21.90 3.53 12.15
C CYS A 84 23.02 3.44 13.21
N PRO A 85 22.92 4.11 14.34
CA PRO A 85 23.99 4.04 15.35
C PRO A 85 24.17 2.61 15.86
N GLU A 86 25.39 2.08 15.69
CA GLU A 86 25.65 0.68 15.97
C GLU A 86 25.43 0.38 17.45
N GLY A 87 24.68 -0.67 17.75
CA GLY A 87 24.38 -1.00 19.13
C GLY A 87 23.10 -0.40 19.69
N THR A 88 22.50 0.58 19.03
CA THR A 88 21.31 1.21 19.60
C THR A 88 20.03 0.54 19.09
N VAL A 89 18.96 0.74 19.84
CA VAL A 89 17.67 0.13 19.53
C VAL A 89 16.89 1.11 18.69
N CYS A 90 16.46 0.64 17.54
CA CYS A 90 15.59 1.38 16.64
C CYS A 90 14.26 0.67 16.58
N SER A 91 13.31 1.30 15.89
CA SER A 91 12.02 0.69 15.60
CA SER A 91 12.01 0.71 15.59
C SER A 91 11.82 0.64 14.09
N VAL A 92 11.39 -0.51 13.58
CA VAL A 92 10.98 -0.63 12.19
C VAL A 92 9.48 -0.39 12.13
N LEU A 93 9.08 0.68 11.45
CA LEU A 93 7.66 1.06 11.41
C LEU A 93 6.98 0.30 10.30
N ILE A 94 6.56 -0.93 10.61
CA ILE A 94 5.95 -1.81 9.61
C ILE A 94 4.47 -1.48 9.51
N LYS A 95 3.99 -1.19 8.30
CA LYS A 95 2.57 -1.19 8.00
C LYS A 95 2.26 -2.47 7.21
N ARG A 96 1.12 -3.09 7.49
CA ARG A 96 0.70 -4.25 6.73
C ARG A 96 -0.48 -3.86 5.85
N ASP A 97 -0.60 -4.50 4.68
CA ASP A 97 -1.70 -4.11 3.79
C ASP A 97 -3.08 -4.47 4.37
N SER A 98 -3.14 -5.33 5.37
CA SER A 98 -4.38 -5.59 6.09
C SER A 98 -4.69 -4.55 7.16
N GLY A 99 -3.83 -3.57 7.39
CA GLY A 99 -4.15 -2.43 8.21
C GLY A 99 -3.34 -2.33 9.49
N GLU A 100 -2.67 -3.39 9.91
CA GLU A 100 -1.96 -3.36 11.18
C GLU A 100 -0.75 -2.43 11.11
N LEU A 101 -0.44 -1.83 12.27
CA LEU A 101 0.78 -1.10 12.51
C LEU A 101 1.61 -1.91 13.50
N LEU A 102 2.84 -2.21 13.14
CA LEU A 102 3.68 -3.17 13.87
C LEU A 102 5.08 -2.59 14.01
N PRO A 103 5.30 -1.73 15.00
CA PRO A 103 6.65 -1.20 15.23
C PRO A 103 7.53 -2.25 15.90
N LEU A 104 8.44 -2.83 15.12
CA LEU A 104 9.30 -3.92 15.59
C LEU A 104 10.60 -3.35 16.14
N ALA A 105 10.88 -3.62 17.40
CA ALA A 105 12.13 -3.18 18.02
C ALA A 105 13.29 -3.99 17.46
N VAL A 106 14.41 -3.32 17.19
CA VAL A 106 15.57 -3.97 16.58
C VAL A 106 16.84 -3.33 17.15
N ARG A 107 17.82 -4.16 17.55
CA ARG A 107 19.12 -3.63 17.97
C ARG A 107 20.04 -3.69 16.77
N MET A 108 20.67 -2.58 16.44
CA MET A 108 21.37 -2.47 15.18
C MET A 108 22.83 -2.92 15.33
N GLY A 109 23.31 -3.65 14.32
CA GLY A 109 24.66 -4.17 14.32
C GLY A 109 25.50 -3.49 13.28
N ALA A 110 26.33 -4.27 12.61
CA ALA A 110 27.33 -3.75 11.70
C ALA A 110 26.82 -3.78 10.25
N ILE A 111 27.52 -3.00 9.42
CA ILE A 111 27.45 -3.15 7.97
C ILE A 111 27.87 -4.57 7.58
N ALA A 112 27.04 -5.21 6.77
CA ALA A 112 27.23 -6.62 6.45
C ALA A 112 26.93 -6.85 4.99
N SER A 113 27.44 -7.98 4.49
CA SER A 113 27.03 -8.63 3.26
C SER A 113 26.73 -10.09 3.58
N MET A 114 25.59 -10.62 3.13
CA MET A 114 25.23 -11.99 3.48
C MET A 114 24.34 -12.60 2.39
N ARG A 115 24.40 -13.93 2.29
CA ARG A 115 23.66 -14.66 1.26
C ARG A 115 22.34 -15.14 1.85
N ILE A 116 21.24 -14.74 1.22
CA ILE A 116 19.89 -15.11 1.64
C ILE A 116 19.24 -15.83 0.46
N GLN A 117 18.68 -17.00 0.72
CA GLN A 117 18.10 -17.87 -0.31
C GLN A 117 19.14 -18.26 -1.38
N ARG A 119 21.49 -15.35 -2.87
CA ARG A 119 21.70 -13.98 -3.34
C ARG A 119 22.40 -13.15 -2.25
N LEU A 120 23.38 -12.33 -2.63
CA LEU A 120 24.09 -11.47 -1.68
C LEU A 120 23.32 -10.18 -1.47
N VAL A 121 23.28 -9.71 -0.22
CA VAL A 121 22.61 -8.46 0.16
C VAL A 121 23.60 -7.63 0.96
N HIS A 122 23.53 -6.31 0.81
CA HIS A 122 24.46 -5.41 1.49
C HIS A 122 23.73 -4.26 2.17
N GLY A 123 23.89 -4.15 3.47
CA GLY A 123 23.25 -3.10 4.24
C GLY A 123 23.68 -3.18 5.68
N GLN A 124 22.86 -2.64 6.57
CA GLN A 124 23.18 -2.70 7.99
C GLN A 124 22.33 -3.80 8.61
N SER A 125 22.98 -4.73 9.30
CA SER A 125 22.23 -5.80 9.94
C SER A 125 21.71 -5.33 11.30
N GLY A 126 20.72 -6.07 11.79
CA GLY A 126 20.15 -5.82 13.09
C GLY A 126 19.48 -7.09 13.57
N MET A 127 19.18 -7.13 14.87
CA MET A 127 18.53 -8.29 15.48
C MET A 127 17.20 -7.84 16.06
N LEU A 128 16.12 -8.47 15.62
CA LEU A 128 14.82 -8.14 16.20
C LEU A 128 14.79 -8.50 17.68
N LEU A 129 14.13 -7.64 18.47
CA LEU A 129 13.94 -7.83 19.90
C LEU A 129 12.47 -8.16 20.26
N THR A 130 11.86 -8.98 19.42
CA THR A 130 10.43 -9.24 19.48
C THR A 130 10.09 -10.60 20.04
N GLY A 131 11.05 -11.52 20.10
CA GLY A 131 10.77 -12.86 20.56
C GLY A 131 12.01 -13.72 20.40
N ALA A 132 11.86 -15.00 20.76
CA ALA A 132 13.00 -15.90 20.66
C ALA A 132 13.34 -16.16 19.20
N ASN A 133 12.32 -16.51 18.42
CA ASN A 133 12.44 -16.69 16.97
C ASN A 133 11.34 -15.87 16.34
N ALA A 134 11.72 -14.85 15.57
CA ALA A 134 10.77 -13.91 15.00
C ALA A 134 10.21 -14.39 13.67
N LYS A 135 10.06 -15.69 13.47
CA LYS A 135 9.55 -16.19 12.20
C LYS A 135 8.07 -15.88 12.09
N GLY A 136 7.61 -15.66 10.88
CA GLY A 136 6.20 -15.41 10.65
C GLY A 136 5.81 -13.97 10.84
N MET A 137 4.51 -13.73 10.59
CA MET A 137 4.02 -12.37 10.44
C MET A 137 3.75 -11.65 11.74
N ASP A 138 3.60 -12.36 12.86
CA ASP A 138 3.22 -11.68 14.09
C ASP A 138 4.41 -11.05 14.80
N LEU A 139 5.61 -11.62 14.65
CA LEU A 139 6.78 -11.15 15.37
C LEU A 139 7.90 -10.63 14.48
N GLY A 140 7.81 -10.78 13.18
CA GLY A 140 8.91 -10.36 12.32
C GLY A 140 8.46 -9.78 11.01
N THR A 141 9.41 -9.58 10.09
CA THR A 141 9.16 -8.96 8.80
C THR A 141 8.88 -10.02 7.75
N ILE A 142 8.06 -9.66 6.77
CA ILE A 142 7.59 -10.61 5.76
C ILE A 142 7.68 -10.00 4.37
N PRO A 143 7.54 -10.78 3.30
CA PRO A 143 7.47 -10.20 1.96
C PRO A 143 6.38 -9.13 1.92
N GLY A 144 6.68 -8.02 1.27
CA GLY A 144 5.81 -6.86 1.25
C GLY A 144 6.22 -5.74 2.17
N ASP A 145 7.08 -6.02 3.16
CA ASP A 145 7.49 -5.06 4.18
C ASP A 145 8.64 -4.17 3.77
N CYS A 146 9.27 -4.43 2.63
CA CYS A 146 10.45 -3.68 2.29
C CYS A 146 10.12 -2.22 2.02
N GLY A 147 11.08 -1.36 2.38
CA GLY A 147 10.93 0.08 2.38
C GLY A 147 10.49 0.67 3.71
N ALA A 148 10.09 -0.15 4.68
CA ALA A 148 9.67 0.39 5.96
C ALA A 148 10.85 1.05 6.66
N PRO A 149 10.62 2.18 7.34
CA PRO A 149 11.73 2.95 7.90
C PRO A 149 12.20 2.45 9.27
N TYR A 150 13.51 2.56 9.47
CA TYR A 150 14.17 2.30 10.74
C TYR A 150 14.36 3.66 11.40
N VAL A 151 13.76 3.86 12.57
CA VAL A 151 13.77 5.15 13.23
C VAL A 151 14.23 4.99 14.68
N HIS A 152 14.75 6.08 15.23
CA HIS A 152 15.02 6.14 16.65
C HIS A 152 14.96 7.59 17.08
N LYS A 153 14.94 7.80 18.39
CA LYS A 153 14.87 9.16 18.91
C LYS A 153 16.28 9.71 19.17
N ARG A 154 16.43 11.00 18.91
CA ARG A 154 17.62 11.76 19.28
C ARG A 154 17.15 12.99 20.04
N GLY A 155 17.38 13.01 21.35
CA GLY A 155 16.79 14.05 22.16
C GLY A 155 15.28 13.94 22.12
N ASN A 156 14.63 15.05 21.81
CA ASN A 156 13.18 15.08 21.67
C ASN A 156 12.73 14.80 20.24
N ASP A 157 13.65 14.56 19.33
CA ASP A 157 13.33 14.43 17.91
C ASP A 157 13.48 12.99 17.46
N TRP A 158 12.62 12.58 16.52
CA TRP A 158 12.77 11.32 15.80
C TRP A 158 13.68 11.53 14.60
N VAL A 159 14.50 10.51 14.28
CA VAL A 159 15.33 10.51 13.09
C VAL A 159 15.15 9.18 12.39
N VAL A 160 15.49 9.15 11.10
CA VAL A 160 15.37 7.92 10.31
C VAL A 160 16.76 7.56 9.81
N CYS A 161 17.08 6.26 9.81
CA CYS A 161 18.43 5.85 9.41
C CYS A 161 18.51 4.72 8.39
N GLY A 162 17.40 4.09 8.00
CA GLY A 162 17.45 3.04 7.00
C GLY A 162 16.05 2.65 6.58
N VAL A 163 15.99 1.81 5.55
CA VAL A 163 14.74 1.27 5.04
C VAL A 163 14.90 -0.22 4.90
N HIS A 164 13.87 -0.95 5.31
CA HIS A 164 13.92 -2.40 5.39
C HIS A 164 14.22 -3.04 4.03
N ALA A 165 15.17 -3.99 3.99
CA ALA A 165 15.55 -4.66 2.75
C ALA A 165 15.49 -6.18 2.81
N ALA A 166 15.70 -6.80 3.97
CA ALA A 166 15.82 -8.26 3.95
C ALA A 166 15.77 -8.81 5.37
N ALA A 167 15.52 -10.11 5.45
CA ALA A 167 15.61 -10.84 6.69
C ALA A 167 16.05 -12.27 6.38
N THR A 168 16.78 -12.86 7.32
CA THR A 168 17.22 -14.26 7.22
C THR A 168 16.06 -15.23 7.36
N LYS A 169 16.35 -16.51 7.07
CA LYS A 169 15.33 -17.56 7.14
C LYS A 169 14.71 -17.66 8.53
N SER A 170 15.55 -17.65 9.56
CA SER A 170 15.02 -17.71 10.91
C SER A 170 14.25 -16.47 11.28
N GLY A 171 14.50 -15.35 10.58
CA GLY A 171 13.76 -14.12 10.80
C GLY A 171 14.30 -13.23 11.89
N ASN A 172 15.21 -13.73 12.73
CA ASN A 172 15.75 -12.90 13.79
C ASN A 172 16.63 -11.77 13.27
N THR A 173 17.31 -11.96 12.17
CA THR A 173 18.22 -10.97 11.63
C THR A 173 17.52 -10.24 10.49
N VAL A 174 17.64 -8.90 10.51
CA VAL A 174 17.07 -8.05 9.46
C VAL A 174 18.19 -7.19 8.89
N VAL A 175 17.98 -6.71 7.67
CA VAL A 175 18.94 -5.84 6.99
C VAL A 175 18.19 -4.62 6.48
N CYS A 176 18.66 -3.44 6.83
CA CYS A 176 18.16 -2.23 6.22
C CYS A 176 19.20 -1.65 5.28
N ALA A 177 18.71 -1.08 4.19
CA ALA A 177 19.54 -0.30 3.30
C ALA A 177 19.79 1.04 3.97
N VAL A 178 20.99 1.55 3.79
CA VAL A 178 21.39 2.80 4.42
C VAL A 178 22.00 3.69 3.33
N GLN A 179 22.02 4.98 3.63
CA GLN A 179 22.42 6.00 2.67
C GLN A 179 23.91 5.93 2.38
N ALA A 180 24.72 5.72 3.42
CA ALA A 180 26.17 5.59 3.21
C ALA A 180 26.50 4.16 2.91
N THR B 11 -16.46 -9.61 8.61
CA THR B 11 -15.49 -10.38 7.85
C THR B 11 -15.40 -9.78 6.44
N LEU B 12 -16.44 -9.08 5.98
CA LEU B 12 -16.28 -8.23 4.80
C LEU B 12 -15.02 -7.40 4.89
N TRP B 13 -14.78 -6.79 6.04
CA TRP B 13 -13.70 -5.81 6.11
C TRP B 13 -12.34 -6.48 6.01
N SER B 14 -12.23 -7.75 6.41
CA SER B 14 -10.91 -8.39 6.32
C SER B 14 -10.48 -8.56 4.87
N ARG B 15 -11.43 -8.51 3.92
CA ARG B 15 -11.13 -8.62 2.50
C ARG B 15 -10.60 -7.33 1.89
N VAL B 16 -10.84 -6.18 2.51
CA VAL B 16 -10.41 -4.91 1.98
C VAL B 16 -8.95 -4.70 2.33
N THR B 17 -8.15 -4.42 1.34
CA THR B 17 -6.70 -4.47 1.45
C THR B 17 -6.10 -3.22 0.83
N LYS B 18 -5.09 -2.67 1.48
CA LYS B 18 -4.38 -1.54 0.92
C LYS B 18 -3.65 -2.00 -0.35
N PHE B 19 -3.67 -1.17 -1.40
CA PHE B 19 -3.11 -1.64 -2.69
C PHE B 19 -2.76 -0.45 -3.55
N GLY B 20 -1.48 -0.32 -3.87
CA GLY B 20 -1.05 0.82 -4.67
C GLY B 20 -1.45 2.13 -4.03
N SER B 21 -1.99 3.04 -4.83
CA SER B 21 -2.45 4.33 -4.33
C SER B 21 -3.90 4.28 -3.82
N GLY B 22 -4.43 3.10 -3.57
CA GLY B 22 -5.81 2.96 -3.10
C GLY B 22 -5.98 1.64 -2.42
N TRP B 23 -6.98 0.87 -2.84
CA TRP B 23 -7.43 -0.33 -2.14
C TRP B 23 -7.85 -1.38 -3.16
N GLY B 24 -8.07 -2.60 -2.67
CA GLY B 24 -8.71 -3.66 -3.43
C GLY B 24 -9.42 -4.61 -2.49
N PHE B 25 -9.99 -5.67 -3.07
CA PHE B 25 -10.94 -6.54 -2.39
C PHE B 25 -10.67 -7.98 -2.77
N TRP B 26 -10.50 -8.85 -1.77
CA TRP B 26 -10.40 -10.29 -2.00
C TRP B 26 -11.80 -10.85 -2.23
N VAL B 27 -12.07 -11.26 -3.47
CA VAL B 27 -13.34 -11.89 -3.80
C VAL B 27 -13.37 -13.34 -3.32
N SER B 28 -12.22 -13.96 -3.22
CA SER B 28 -12.08 -15.39 -2.98
C SER B 28 -10.66 -15.63 -2.55
N PRO B 29 -10.27 -16.87 -2.23
CA PRO B 29 -8.88 -17.13 -1.85
C PRO B 29 -7.88 -16.78 -2.90
N THR B 30 -8.28 -16.73 -4.19
CA THR B 30 -7.35 -16.54 -5.30
C THR B 30 -7.63 -15.31 -6.17
N VAL B 31 -8.74 -14.59 -5.96
CA VAL B 31 -9.15 -13.50 -6.84
C VAL B 31 -9.18 -12.18 -6.06
N PHE B 32 -8.50 -11.17 -6.58
CA PHE B 32 -8.43 -9.84 -5.98
C PHE B 32 -8.84 -8.83 -7.04
N ILE B 33 -9.73 -7.89 -6.70
CA ILE B 33 -10.14 -6.87 -7.65
C ILE B 33 -9.76 -5.50 -7.13
N THR B 34 -9.54 -4.59 -8.07
CA THR B 34 -9.15 -3.23 -7.74
C THR B 34 -9.43 -2.33 -8.94
N THR B 35 -9.17 -1.05 -8.77
CA THR B 35 -9.38 -0.04 -9.81
C THR B 35 -8.06 0.17 -10.55
N THR B 36 -8.11 0.12 -11.87
CA THR B 36 -6.88 0.13 -12.67
C THR B 36 -5.94 1.27 -12.30
N HIS B 37 -6.45 2.49 -12.15
CA HIS B 37 -5.50 3.57 -12.02
C HIS B 37 -4.77 3.57 -10.67
N VAL B 38 -5.18 2.76 -9.69
CA VAL B 38 -4.39 2.68 -8.46
C VAL B 38 -3.35 1.59 -8.53
N VAL B 39 -3.39 0.74 -9.54
CA VAL B 39 -2.46 -0.39 -9.64
C VAL B 39 -1.07 0.15 -9.98
N PRO B 40 -0.03 -0.19 -9.22
CA PRO B 40 1.29 0.33 -9.57
C PRO B 40 1.83 -0.41 -10.79
N THR B 41 2.38 0.34 -11.72
CA THR B 41 2.99 -0.27 -12.90
C THR B 41 4.48 -0.49 -12.66
N GLY B 42 5.05 -1.41 -13.43
CA GLY B 42 6.46 -1.70 -13.33
C GLY B 42 6.92 -2.42 -12.09
N VAL B 43 6.05 -3.18 -11.41
CA VAL B 43 6.48 -3.93 -10.23
C VAL B 43 6.45 -5.41 -10.56
N LYS B 44 7.33 -6.14 -9.89
CA LYS B 44 7.63 -7.52 -10.23
C LYS B 44 7.01 -8.51 -9.25
N GLU B 45 6.31 -8.04 -8.24
CA GLU B 45 5.65 -8.94 -7.31
C GLU B 45 4.51 -8.23 -6.60
N PHE B 46 3.49 -8.99 -6.25
CA PHE B 46 2.34 -8.49 -5.52
C PHE B 46 2.07 -9.44 -4.38
N PHE B 47 1.91 -8.90 -3.17
CA PHE B 47 1.62 -9.76 -2.03
C PHE B 47 2.70 -10.82 -1.82
N GLY B 48 3.94 -10.48 -2.16
CA GLY B 48 5.03 -11.42 -2.09
C GLY B 48 5.11 -12.41 -3.22
N GLU B 49 4.18 -12.36 -4.17
CA GLU B 49 4.11 -13.38 -5.18
C GLU B 49 4.74 -12.87 -6.46
N PRO B 50 5.53 -13.68 -7.16
CA PRO B 50 6.12 -13.22 -8.42
C PRO B 50 5.06 -13.20 -9.51
N LEU B 51 5.34 -12.44 -10.57
CA LEU B 51 4.33 -12.27 -11.61
C LEU B 51 3.99 -13.59 -12.26
N SER B 52 4.92 -14.56 -12.23
CA SER B 52 4.66 -15.85 -12.85
C SER B 52 3.52 -16.59 -12.19
N SER B 53 3.21 -16.31 -10.93
CA SER B 53 2.07 -16.96 -10.29
C SER B 53 0.85 -16.03 -10.22
N ILE B 54 0.78 -15.04 -11.13
CA ILE B 54 -0.33 -14.10 -11.21
C ILE B 54 -0.82 -13.97 -12.65
N ALA B 55 -2.14 -13.86 -12.81
CA ALA B 55 -2.76 -13.46 -14.07
C ALA B 55 -3.51 -12.15 -13.84
N ILE B 56 -3.07 -11.09 -14.53
CA ILE B 56 -3.63 -9.74 -14.42
C ILE B 56 -4.54 -9.51 -15.62
N HIS B 57 -5.78 -9.10 -15.36
CA HIS B 57 -6.76 -8.81 -16.40
C HIS B 57 -7.32 -7.43 -16.13
N GLN B 58 -7.18 -6.53 -17.12
CA GLN B 58 -7.62 -5.15 -16.99
C GLN B 58 -8.53 -4.82 -18.16
N ALA B 59 -9.65 -4.17 -17.87
CA ALA B 59 -10.56 -3.67 -18.90
C ALA B 59 -11.10 -2.33 -18.40
N GLY B 60 -10.73 -1.26 -19.08
CA GLY B 60 -10.93 0.07 -18.55
C GLY B 60 -10.39 0.15 -17.14
N GLU B 61 -11.24 0.65 -16.24
CA GLU B 61 -10.81 0.93 -14.90
C GLU B 61 -11.02 -0.24 -13.95
N PHE B 62 -11.39 -1.40 -14.47
CA PHE B 62 -11.59 -2.58 -13.64
C PHE B 62 -10.42 -3.53 -13.86
N THR B 63 -9.71 -3.86 -12.79
CA THR B 63 -8.57 -4.77 -12.81
C THR B 63 -8.82 -5.96 -11.90
N GLN B 64 -8.60 -7.17 -12.40
CA GLN B 64 -8.68 -8.39 -11.61
C GLN B 64 -7.32 -9.10 -11.59
N PHE B 65 -6.91 -9.55 -10.41
CA PHE B 65 -5.74 -10.41 -10.23
C PHE B 65 -6.22 -11.81 -9.85
N ARG B 66 -5.70 -12.83 -10.52
CA ARG B 66 -5.92 -14.22 -10.11
C ARG B 66 -4.57 -14.83 -9.77
N PHE B 67 -4.50 -15.48 -8.61
CA PHE B 67 -3.25 -16.04 -8.10
C PHE B 67 -3.27 -17.57 -8.20
N SER B 68 -2.12 -18.15 -8.57
CA SER B 68 -1.95 -19.59 -8.53
C SER B 68 -2.03 -20.11 -7.11
N LYS B 69 -1.40 -19.42 -6.18
CA LYS B 69 -1.45 -19.80 -4.76
C LYS B 69 -2.77 -19.37 -4.13
N LYS B 70 -3.32 -20.23 -3.26
CA LYS B 70 -4.46 -19.84 -2.43
C LYS B 70 -3.96 -18.79 -1.45
N MET B 71 -4.20 -17.51 -1.76
CA MET B 71 -3.64 -16.42 -0.98
C MET B 71 -4.42 -16.14 0.30
N ARG B 72 -5.73 -16.34 0.30
CA ARG B 72 -6.59 -16.02 1.44
C ARG B 72 -7.51 -17.22 1.67
N PRO B 73 -6.94 -18.34 2.10
CA PRO B 73 -7.73 -19.57 2.26
C PRO B 73 -8.78 -19.47 3.34
N ASP B 74 -8.70 -18.44 4.18
CA ASP B 74 -9.71 -18.19 5.19
C ASP B 74 -11.02 -17.69 4.61
N LEU B 75 -11.05 -17.32 3.34
CA LEU B 75 -12.19 -16.64 2.76
C LEU B 75 -13.03 -17.60 1.93
N THR B 76 -14.35 -17.45 2.03
CA THR B 76 -15.22 -18.07 1.05
C THR B 76 -15.23 -17.24 -0.23
N GLY B 77 -15.58 -17.90 -1.33
CA GLY B 77 -15.67 -17.22 -2.61
C GLY B 77 -17.01 -16.49 -2.69
N MET B 78 -16.95 -15.22 -3.02
CA MET B 78 -18.13 -14.41 -3.26
C MET B 78 -18.41 -14.37 -4.76
N VAL B 79 -19.66 -14.13 -5.09
CA VAL B 79 -20.05 -13.88 -6.47
C VAL B 79 -19.58 -12.48 -6.86
N LEU B 80 -18.91 -12.38 -8.00
CA LEU B 80 -18.58 -11.09 -8.60
C LEU B 80 -19.60 -10.83 -9.71
N GLU B 81 -20.44 -9.82 -9.52
CA GLU B 81 -21.45 -9.48 -10.51
C GLU B 81 -20.88 -8.55 -11.57
N GLU B 82 -21.44 -8.63 -12.78
CA GLU B 82 -21.17 -7.66 -13.85
C GLU B 82 -22.09 -6.47 -13.58
N GLY B 83 -21.65 -5.62 -12.68
CA GLY B 83 -22.40 -4.42 -12.35
C GLY B 83 -23.42 -4.66 -11.25
N CYS B 84 -23.84 -3.60 -10.69
CA CYS B 84 -24.79 -3.65 -9.61
C CYS B 84 -26.21 -3.47 -10.16
N PRO B 85 -27.24 -4.03 -9.54
CA PRO B 85 -28.59 -3.83 -10.08
C PRO B 85 -29.09 -2.41 -9.84
N GLU B 86 -29.69 -1.80 -10.87
CA GLU B 86 -30.15 -0.41 -10.78
C GLU B 86 -31.23 -0.27 -9.71
N GLY B 87 -31.11 0.75 -8.87
CA GLY B 87 -32.05 0.95 -7.79
C GLY B 87 -31.71 0.21 -6.51
N THR B 88 -30.77 -0.74 -6.55
CA THR B 88 -30.28 -1.39 -5.35
C THR B 88 -29.45 -0.41 -4.52
N VAL B 89 -29.61 -0.47 -3.21
CA VAL B 89 -28.70 0.22 -2.30
C VAL B 89 -27.55 -0.73 -2.00
N CYS B 90 -26.35 -0.34 -2.41
CA CYS B 90 -25.14 -1.06 -2.09
C CYS B 90 -24.41 -0.33 -0.96
N SER B 91 -23.38 -0.98 -0.44
CA SER B 91 -22.44 -0.34 0.47
C SER B 91 -21.09 -0.25 -0.20
N VAL B 92 -20.47 0.92 -0.13
CA VAL B 92 -19.08 1.07 -0.51
C VAL B 92 -18.25 0.98 0.77
N LEU B 93 -17.35 0.01 0.81
CA LEU B 93 -16.56 -0.27 2.02
C LEU B 93 -15.27 0.52 1.94
N ILE B 94 -15.37 1.77 2.32
CA ILE B 94 -14.21 2.64 2.32
C ILE B 94 -13.34 2.35 3.54
N LYS B 95 -12.06 2.10 3.30
CA LYS B 95 -11.04 2.15 4.34
C LYS B 95 -10.21 3.40 4.12
N ARG B 96 -9.75 3.98 5.22
CA ARG B 96 -8.90 5.16 5.19
C ARG B 96 -7.50 4.81 5.69
N ASP B 97 -6.48 5.54 5.20
CA ASP B 97 -5.12 5.35 5.71
C ASP B 97 -5.04 5.59 7.21
N SER B 98 -6.00 6.34 7.74
CA SER B 98 -6.12 6.57 9.18
C SER B 98 -6.44 5.31 9.96
N GLY B 99 -6.94 4.28 9.32
CA GLY B 99 -7.43 3.11 10.01
C GLY B 99 -8.93 2.98 10.00
N GLU B 100 -9.67 4.07 9.78
CA GLU B 100 -11.12 4.00 9.85
C GLU B 100 -11.73 3.13 8.77
N LEU B 101 -12.80 2.45 9.14
CA LEU B 101 -13.64 1.64 8.25
C LEU B 101 -14.95 2.42 8.07
N LEU B 102 -15.21 2.91 6.86
CA LEU B 102 -16.30 3.84 6.62
C LEU B 102 -17.27 3.30 5.58
N PRO B 103 -18.24 2.48 5.99
CA PRO B 103 -19.23 1.95 5.03
C PRO B 103 -20.29 2.98 4.70
N LEU B 104 -20.55 3.21 3.41
CA LEU B 104 -21.49 4.25 2.99
C LEU B 104 -22.50 3.64 2.04
N ALA B 105 -23.78 3.89 2.31
CA ALA B 105 -24.83 3.38 1.45
C ALA B 105 -24.83 4.20 0.17
N VAL B 106 -25.06 3.52 -0.95
CA VAL B 106 -25.09 4.12 -2.28
C VAL B 106 -26.27 3.55 -3.04
N ARG B 107 -27.14 4.43 -3.53
CA ARG B 107 -28.22 4.00 -4.41
C ARG B 107 -27.69 3.98 -5.84
N MET B 108 -27.69 2.79 -6.45
CA MET B 108 -27.00 2.60 -7.71
C MET B 108 -27.85 3.03 -8.91
N GLY B 109 -27.21 3.68 -9.88
CA GLY B 109 -27.84 4.05 -11.13
C GLY B 109 -27.38 3.21 -12.30
N ALA B 110 -27.15 3.85 -13.45
CA ALA B 110 -26.91 3.10 -14.68
C ALA B 110 -25.44 3.14 -15.07
N ILE B 111 -25.06 2.16 -15.87
CA ILE B 111 -23.74 2.17 -16.50
C ILE B 111 -23.75 3.17 -17.63
N ALA B 112 -22.66 3.95 -17.74
CA ALA B 112 -22.62 5.11 -18.61
C ALA B 112 -21.19 5.62 -18.66
N SER B 113 -20.88 6.39 -19.71
CA SER B 113 -19.67 7.19 -19.76
C SER B 113 -20.02 8.60 -19.30
N MET B 114 -19.27 9.11 -18.34
CA MET B 114 -19.65 10.33 -17.63
C MET B 114 -18.47 11.31 -17.59
N ARG B 115 -18.81 12.60 -17.46
CA ARG B 115 -17.82 13.66 -17.31
C ARG B 115 -17.74 13.99 -15.82
N ILE B 116 -16.63 13.62 -15.19
CA ILE B 116 -16.42 13.80 -13.75
C ILE B 116 -15.18 14.68 -13.57
N GLN B 117 -15.35 15.84 -12.94
CA GLN B 117 -14.28 16.81 -12.78
C GLN B 117 -13.50 16.94 -14.09
N GLY B 118 -14.20 16.87 -15.22
CA GLY B 118 -13.58 17.09 -16.51
C GLY B 118 -13.33 15.86 -17.36
N ARG B 119 -12.95 14.75 -16.73
CA ARG B 119 -12.51 13.56 -17.45
C ARG B 119 -13.70 12.66 -17.80
N LEU B 120 -13.54 11.94 -18.91
CA LEU B 120 -14.46 10.86 -19.26
C LEU B 120 -14.10 9.64 -18.44
N VAL B 121 -15.12 9.01 -17.87
CA VAL B 121 -14.96 7.84 -17.01
C VAL B 121 -16.14 6.92 -17.26
N HIS B 122 -15.86 5.67 -17.64
CA HIS B 122 -16.91 4.70 -17.91
C HIS B 122 -17.05 3.77 -16.72
N GLY B 123 -18.26 3.72 -16.15
CA GLY B 123 -18.56 2.79 -15.08
C GLY B 123 -20.02 2.94 -14.67
N GLN B 124 -20.39 2.46 -13.48
CA GLN B 124 -21.76 2.58 -12.98
C GLN B 124 -21.85 3.71 -11.97
N SER B 125 -22.83 4.59 -12.14
CA SER B 125 -23.01 5.69 -11.20
C SER B 125 -23.90 5.28 -10.04
N GLY B 126 -23.84 6.08 -8.98
CA GLY B 126 -24.61 5.81 -7.78
C GLY B 126 -24.68 7.08 -6.99
N MET B 127 -25.66 7.17 -6.08
CA MET B 127 -25.78 8.34 -5.23
C MET B 127 -25.69 7.96 -3.76
N LEU B 128 -24.85 8.69 -3.04
CA LEU B 128 -24.66 8.46 -1.61
C LEU B 128 -25.88 8.93 -0.83
N LEU B 129 -26.31 8.14 0.15
CA LEU B 129 -27.39 8.53 1.05
C LEU B 129 -26.99 9.62 2.02
N THR B 130 -25.69 9.87 2.20
CA THR B 130 -25.24 11.05 2.95
C THR B 130 -25.49 12.36 2.20
N GLY B 131 -25.86 12.30 0.92
CA GLY B 131 -26.29 13.46 0.16
C GLY B 131 -25.58 14.76 0.48
N LEU B 139 -20.37 11.71 5.60
CA LEU B 139 -19.11 11.89 4.88
C LEU B 139 -19.24 11.39 3.43
N GLY B 140 -18.11 11.31 2.73
CA GLY B 140 -18.09 10.97 1.33
C GLY B 140 -16.78 10.31 0.91
N THR B 141 -16.56 10.18 -0.39
CA THR B 141 -15.34 9.57 -0.90
C THR B 141 -14.34 10.67 -1.22
N ILE B 142 -13.07 10.35 -1.09
CA ILE B 142 -12.04 11.37 -1.25
C ILE B 142 -10.88 10.76 -2.01
N PRO B 143 -9.90 11.55 -2.45
CA PRO B 143 -8.69 10.98 -3.05
C PRO B 143 -8.07 9.98 -2.09
N GLY B 144 -7.66 8.83 -2.63
CA GLY B 144 -7.14 7.75 -1.85
C GLY B 144 -8.13 6.63 -1.66
N ASP B 145 -9.42 6.88 -1.92
CA ASP B 145 -10.43 5.86 -1.67
C ASP B 145 -10.59 4.87 -2.79
N CYS B 146 -9.90 5.04 -3.93
CA CYS B 146 -10.23 4.22 -5.08
C CYS B 146 -9.84 2.77 -4.85
N GLY B 147 -10.66 1.88 -5.41
CA GLY B 147 -10.54 0.44 -5.24
C GLY B 147 -11.49 -0.11 -4.19
N ALA B 148 -12.07 0.74 -3.37
CA ALA B 148 -13.02 0.28 -2.38
C ALA B 148 -14.16 -0.50 -3.05
N PRO B 149 -14.58 -1.63 -2.49
CA PRO B 149 -15.61 -2.46 -3.12
C PRO B 149 -17.02 -1.94 -2.88
N TYR B 150 -17.90 -2.20 -3.87
CA TYR B 150 -19.34 -1.98 -3.76
C TYR B 150 -19.98 -3.35 -3.58
N VAL B 151 -20.67 -3.55 -2.46
CA VAL B 151 -21.23 -4.86 -2.14
C VAL B 151 -22.71 -4.71 -1.80
N HIS B 152 -23.43 -5.82 -1.97
CA HIS B 152 -24.79 -5.93 -1.48
C HIS B 152 -25.06 -7.39 -1.18
N LYS B 153 -26.19 -7.64 -0.53
CA LYS B 153 -26.59 -8.99 -0.13
C LYS B 153 -27.67 -9.47 -1.09
N ARG B 154 -27.46 -10.65 -1.66
CA ARG B 154 -28.45 -11.34 -2.48
C ARG B 154 -28.87 -12.56 -1.68
N GLY B 155 -30.04 -12.49 -1.05
CA GLY B 155 -30.46 -13.58 -0.18
C GLY B 155 -29.60 -13.60 1.07
N ASN B 156 -29.03 -14.75 1.39
CA ASN B 156 -28.11 -14.82 2.51
C ASN B 156 -26.66 -14.59 2.07
N ASP B 157 -26.43 -14.36 0.78
CA ASP B 157 -25.09 -14.26 0.21
C ASP B 157 -24.68 -12.82 -0.02
N TRP B 158 -23.44 -12.51 0.34
CA TRP B 158 -22.81 -11.26 -0.04
C TRP B 158 -22.23 -11.32 -1.43
N VAL B 159 -22.42 -10.24 -2.18
CA VAL B 159 -22.05 -10.12 -3.59
C VAL B 159 -21.22 -8.85 -3.75
N VAL B 160 -20.21 -8.86 -4.62
CA VAL B 160 -19.49 -7.64 -4.95
C VAL B 160 -19.76 -7.31 -6.40
N CYS B 161 -19.91 -6.03 -6.70
CA CYS B 161 -20.28 -5.63 -8.04
C CYS B 161 -19.51 -4.45 -8.62
N GLY B 162 -18.58 -3.85 -7.88
CA GLY B 162 -17.80 -2.77 -8.45
C GLY B 162 -16.68 -2.37 -7.52
N VAL B 163 -15.76 -1.55 -8.06
CA VAL B 163 -14.71 -0.93 -7.26
C VAL B 163 -14.74 0.56 -7.52
N HIS B 164 -14.48 1.32 -6.47
CA HIS B 164 -14.65 2.76 -6.51
C HIS B 164 -13.65 3.41 -7.46
N ALA B 165 -14.15 4.32 -8.32
CA ALA B 165 -13.31 4.94 -9.35
C ALA B 165 -13.32 6.47 -9.32
N ALA B 166 -14.44 7.11 -8.98
CA ALA B 166 -14.54 8.56 -9.17
C ALA B 166 -15.75 9.11 -8.41
N ALA B 167 -15.78 10.43 -8.28
CA ALA B 167 -16.92 11.08 -7.65
C ALA B 167 -16.97 12.53 -8.14
N THR B 168 -18.18 13.10 -8.16
CA THR B 168 -18.33 14.49 -8.59
C THR B 168 -17.83 15.44 -7.53
N LYS B 169 -17.78 16.73 -7.89
CA LYS B 169 -17.33 17.77 -6.97
C LYS B 169 -18.19 17.78 -5.71
N SER B 170 -19.51 17.73 -5.86
CA SER B 170 -20.35 17.73 -4.66
C SER B 170 -20.13 16.49 -3.81
N GLY B 171 -19.63 15.41 -4.40
CA GLY B 171 -19.52 14.15 -3.71
C GLY B 171 -20.79 13.35 -3.69
N ASN B 172 -21.90 13.91 -4.19
CA ASN B 172 -23.17 13.20 -4.12
C ASN B 172 -23.17 11.99 -5.04
N THR B 173 -22.51 12.12 -6.20
CA THR B 173 -22.45 11.08 -7.22
C THR B 173 -21.08 10.40 -7.23
N VAL B 174 -21.10 9.08 -7.16
CA VAL B 174 -19.87 8.29 -7.21
C VAL B 174 -19.96 7.39 -8.44
N VAL B 175 -18.81 6.88 -8.87
CA VAL B 175 -18.74 5.96 -9.99
C VAL B 175 -17.87 4.78 -9.58
N CYS B 176 -18.39 3.58 -9.76
CA CYS B 176 -17.56 2.39 -9.61
C CYS B 176 -17.28 1.75 -10.96
N ALA B 177 -16.05 1.27 -11.13
CA ALA B 177 -15.72 0.47 -12.29
C ALA B 177 -16.37 -0.90 -12.14
N VAL B 178 -16.82 -1.45 -13.27
CA VAL B 178 -17.50 -2.73 -13.28
C VAL B 178 -16.83 -3.63 -14.31
N GLN B 179 -17.01 -4.93 -14.13
CA GLN B 179 -16.34 -5.92 -14.96
C GLN B 179 -16.77 -5.87 -16.43
#